data_1UHJ
#
_entry.id   1UHJ
#
_cell.length_a   34.213
_cell.length_b   56.983
_cell.length_c   57.820
_cell.angle_alpha   72.22
_cell.angle_beta   80.32
_cell.angle_gamma   68.01
#
_symmetry.space_group_name_H-M   'P 1'
#
loop_
_entity.id
_entity.type
_entity.pdbx_description
1 polymer 'Aequorin 2'
2 non-polymer (2S,8R)-8-BENZYL-2-(4-BROMOBENZYL)-2-HYDROPEROXY-6-(4-HYDROXYPHENYL)-7,8-DIHYDROIMIDAZO[1,2-A]PYRAZIN-3(2H)-ONE
3 water water
#
_entity_poly.entity_id   1
_entity_poly.type   'polypeptide(L)'
_entity_poly.pdbx_seq_one_letter_code
;ANSKLTSDFDNPRWIGRHKH(MSE)FNFLDVNHNGKISLDE(MSE)VYKASDIVINNLGATPEQAKRHKDAVEAFFGGAG
(MSE)KYGVETDWPAYIEGWKKLATDELEKYAKNEPTLIRIWGDALFDIVDKDQNGAITLDEWKAYTKAAGIIQSSEDCE
ETFRVCDIDESGQLDVDE(MSE)TRQHLGFWYT(MSE)DPACEKLYGGAVP
;
_entity_poly.pdbx_strand_id   A,B
#
# COMPACT_ATOMS: atom_id res chain seq x y z
N LEU A 5 -6.30 -12.34 -21.50
CA LEU A 5 -7.45 -13.27 -21.80
C LEU A 5 -7.02 -14.72 -21.99
N THR A 6 -5.72 -15.01 -21.74
CA THR A 6 -5.10 -16.34 -21.82
C THR A 6 -4.75 -16.96 -20.43
N SER A 7 -5.11 -18.22 -20.24
CA SER A 7 -4.87 -18.88 -18.94
C SER A 7 -3.41 -19.31 -18.76
N ASP A 8 -3.07 -19.71 -17.54
CA ASP A 8 -1.68 -20.10 -17.18
C ASP A 8 -1.72 -21.31 -16.21
N PHE A 9 -2.37 -22.38 -16.64
CA PHE A 9 -2.76 -23.50 -15.76
C PHE A 9 -1.62 -24.37 -15.26
N ASP A 10 -0.52 -24.37 -15.98
CA ASP A 10 0.70 -25.07 -15.52
C ASP A 10 1.57 -24.26 -14.56
N ASN A 11 1.24 -22.97 -14.31
CA ASN A 11 1.97 -22.13 -13.37
C ASN A 11 1.75 -22.64 -11.94
N PRO A 12 2.82 -23.04 -11.22
CA PRO A 12 2.64 -23.51 -9.83
C PRO A 12 1.99 -22.47 -8.94
N ARG A 13 2.15 -21.20 -9.26
CA ARG A 13 1.50 -20.13 -8.50
C ARG A 13 0.00 -20.03 -8.75
N TRP A 14 -0.46 -20.44 -9.94
CA TRP A 14 -1.91 -20.55 -10.18
C TRP A 14 -2.47 -21.71 -9.40
N ILE A 15 -1.79 -22.85 -9.50
CA ILE A 15 -2.26 -24.05 -8.84
C ILE A 15 -2.31 -23.81 -7.34
N GLY A 16 -1.30 -23.11 -6.82
CA GLY A 16 -1.15 -22.87 -5.39
C GLY A 16 -2.08 -21.82 -4.82
N ARG A 17 -2.46 -20.89 -5.66
CA ARG A 17 -3.47 -19.91 -5.34
C ARG A 17 -4.78 -20.62 -5.02
N HIS A 18 -5.20 -21.46 -5.96
CA HIS A 18 -6.40 -22.26 -5.76
C HIS A 18 -6.29 -23.37 -4.71
N LYS A 19 -5.10 -23.89 -4.44
CA LYS A 19 -4.97 -24.85 -3.36
C LYS A 19 -5.08 -24.11 -1.99
N HIS A 20 -4.57 -22.89 -1.93
CA HIS A 20 -4.73 -22.05 -0.74
C HIS A 20 -6.24 -21.93 -0.40
N PHE A 22 -8.81 -23.83 -1.56
CA PHE A 22 -9.37 -25.13 -1.24
C PHE A 22 -9.14 -25.41 0.22
N ASN A 23 -7.92 -25.19 0.70
CA ASN A 23 -7.59 -25.43 2.10
C ASN A 23 -8.34 -24.52 3.05
N PHE A 24 -8.51 -23.26 2.65
CA PHE A 24 -9.31 -22.30 3.41
C PHE A 24 -10.81 -22.68 3.43
N LEU A 25 -11.31 -23.16 2.33
CA LEU A 25 -12.74 -23.63 2.28
C LEU A 25 -12.97 -24.92 3.04
N ASP A 26 -11.92 -25.73 3.15
CA ASP A 26 -11.98 -27.03 3.81
C ASP A 26 -11.69 -26.84 5.28
N VAL A 27 -12.62 -26.16 5.95
CA VAL A 27 -12.37 -25.69 7.33
C VAL A 27 -12.15 -26.80 8.33
N ASN A 28 -12.74 -27.95 8.09
CA ASN A 28 -12.48 -29.11 8.95
C ASN A 28 -11.51 -30.16 8.37
N HIS A 29 -10.70 -29.75 7.41
CA HIS A 29 -9.60 -30.58 6.89
C HIS A 29 -10.06 -32.04 6.58
N ASN A 30 -11.19 -32.15 5.90
CA ASN A 30 -11.66 -33.40 5.33
C ASN A 30 -10.96 -33.84 4.01
N GLY A 31 -10.23 -32.93 3.35
CA GLY A 31 -9.64 -33.17 2.04
C GLY A 31 -10.68 -33.13 0.93
N LYS A 32 -11.89 -32.68 1.26
CA LYS A 32 -12.94 -32.56 0.27
C LYS A 32 -13.94 -31.53 0.74
N ILE A 33 -14.58 -30.89 -0.23
CA ILE A 33 -15.65 -29.91 0.03
C ILE A 33 -16.84 -30.15 -0.90
N SER A 34 -18.06 -29.85 -0.43
CA SER A 34 -19.27 -29.98 -1.21
C SER A 34 -19.90 -28.65 -1.63
N LEU A 35 -20.72 -28.70 -2.67
CA LEU A 35 -21.52 -27.51 -3.00
C LEU A 35 -22.41 -27.06 -1.81
N ASP A 36 -22.86 -28.03 -1.03
CA ASP A 36 -23.70 -27.74 0.13
C ASP A 36 -23.00 -26.80 1.10
N GLU A 37 -21.71 -27.05 1.32
CA GLU A 37 -20.93 -26.30 2.26
C GLU A 37 -20.69 -24.91 1.69
N VAL A 39 -22.62 -23.09 -0.44
CA VAL A 39 -23.82 -22.23 -0.40
C VAL A 39 -24.27 -21.95 1.05
N TYR A 40 -23.99 -22.87 1.96
CA TYR A 40 -24.20 -22.60 3.38
C TYR A 40 -23.33 -21.42 3.79
N LYS A 41 -22.03 -21.51 3.54
CA LYS A 41 -21.08 -20.47 3.93
C LYS A 41 -21.54 -19.15 3.36
N ALA A 42 -21.88 -19.16 2.07
CA ALA A 42 -22.30 -17.92 1.40
C ALA A 42 -23.47 -17.25 2.07
N SER A 43 -24.50 -18.02 2.39
CA SER A 43 -25.72 -17.45 2.95
C SER A 43 -25.54 -17.11 4.42
N ASP A 44 -24.74 -17.89 5.13
CA ASP A 44 -24.38 -17.57 6.50
C ASP A 44 -23.76 -16.17 6.60
N ILE A 45 -22.77 -15.89 5.77
CA ILE A 45 -22.11 -14.60 5.77
C ILE A 45 -23.12 -13.48 5.50
N VAL A 46 -23.84 -13.57 4.39
CA VAL A 46 -24.62 -12.42 4.00
C VAL A 46 -25.83 -12.23 4.90
N ILE A 47 -26.44 -13.32 5.36
CA ILE A 47 -27.65 -13.17 6.17
C ILE A 47 -27.27 -12.80 7.62
N ASN A 48 -26.35 -13.56 8.18
CA ASN A 48 -25.99 -13.46 9.59
C ASN A 48 -24.95 -12.38 9.93
N ASN A 49 -24.13 -11.94 8.97
CA ASN A 49 -23.12 -10.93 9.23
C ASN A 49 -23.32 -9.58 8.52
N LEU A 50 -23.93 -9.60 7.33
CA LEU A 50 -23.95 -8.43 6.48
C LEU A 50 -25.34 -7.90 6.21
N GLY A 51 -26.34 -8.40 6.88
CA GLY A 51 -27.64 -7.71 6.87
C GLY A 51 -28.50 -7.89 5.63
N ALA A 52 -28.21 -8.91 4.82
CA ALA A 52 -28.95 -9.15 3.58
C ALA A 52 -30.42 -9.38 3.84
N THR A 53 -31.26 -8.78 2.99
CA THR A 53 -32.66 -9.18 2.90
C THR A 53 -32.85 -10.58 2.36
N PRO A 54 -34.03 -11.16 2.57
CA PRO A 54 -34.32 -12.48 2.02
C PRO A 54 -34.10 -12.56 0.51
N GLU A 55 -34.57 -11.57 -0.24
CA GLU A 55 -34.41 -11.55 -1.68
C GLU A 55 -32.94 -11.43 -2.11
N GLN A 56 -32.22 -10.55 -1.46
CA GLN A 56 -30.76 -10.38 -1.70
C GLN A 56 -30.05 -11.68 -1.43
N ALA A 57 -30.37 -12.35 -0.32
CA ALA A 57 -29.69 -13.59 0.04
C ALA A 57 -29.89 -14.67 -1.00
N LYS A 58 -31.12 -14.84 -1.51
CA LYS A 58 -31.44 -15.86 -2.50
C LYS A 58 -30.73 -15.55 -3.82
N ARG A 59 -30.64 -14.28 -4.18
CA ARG A 59 -29.92 -13.89 -5.38
C ARG A 59 -28.45 -14.26 -5.25
N HIS A 60 -27.88 -14.00 -4.07
CA HIS A 60 -26.48 -14.28 -3.78
C HIS A 60 -26.24 -15.78 -3.77
N LYS A 61 -27.17 -16.53 -3.19
CA LYS A 61 -27.01 -17.97 -3.13
C LYS A 61 -27.00 -18.52 -4.55
N ASP A 62 -27.93 -18.07 -5.39
CA ASP A 62 -27.97 -18.54 -6.78
C ASP A 62 -26.62 -18.24 -7.49
N ALA A 63 -26.05 -17.06 -7.26
CA ALA A 63 -24.79 -16.75 -7.93
C ALA A 63 -23.65 -17.68 -7.46
N VAL A 64 -23.56 -17.90 -6.17
CA VAL A 64 -22.49 -18.79 -5.61
C VAL A 64 -22.63 -20.23 -6.06
N GLU A 65 -23.87 -20.72 -6.05
CA GLU A 65 -24.21 -22.03 -6.57
C GLU A 65 -23.72 -22.17 -8.02
N ALA A 66 -23.98 -21.15 -8.83
CA ALA A 66 -23.62 -21.22 -10.27
C ALA A 66 -22.11 -21.14 -10.47
N PHE A 67 -21.44 -20.33 -9.63
CA PHE A 67 -19.99 -20.14 -9.66
C PHE A 67 -19.27 -21.47 -9.36
N PHE A 68 -19.51 -22.06 -8.20
CA PHE A 68 -18.86 -23.34 -7.88
C PHE A 68 -19.36 -24.49 -8.73
N GLY A 69 -20.61 -24.39 -9.17
CA GLY A 69 -21.16 -25.31 -10.16
C GLY A 69 -20.35 -25.35 -11.43
N GLY A 70 -19.85 -24.19 -11.83
CA GLY A 70 -19.08 -24.05 -13.05
C GLY A 70 -17.73 -24.70 -12.92
N ALA A 71 -17.28 -24.84 -11.68
CA ALA A 71 -16.09 -25.62 -11.37
C ALA A 71 -16.33 -27.08 -11.11
N GLY A 72 -17.55 -27.57 -11.39
CA GLY A 72 -17.87 -29.00 -11.38
C GLY A 72 -18.51 -29.49 -10.08
N LYS A 74 -21.16 -30.14 -7.06
CA LYS A 74 -22.59 -30.50 -7.05
C LYS A 74 -23.11 -30.79 -5.63
N TYR A 75 -24.41 -30.55 -5.43
CA TYR A 75 -25.03 -30.90 -4.17
C TYR A 75 -24.90 -32.42 -3.95
N GLY A 76 -24.58 -32.79 -2.72
CA GLY A 76 -24.46 -34.19 -2.31
C GLY A 76 -23.20 -34.89 -2.79
N VAL A 77 -22.27 -34.14 -3.39
CA VAL A 77 -20.98 -34.69 -3.86
C VAL A 77 -19.80 -34.03 -3.14
N GLU A 78 -18.86 -34.87 -2.75
CA GLU A 78 -17.69 -34.40 -2.04
C GLU A 78 -16.59 -34.27 -3.06
N THR A 79 -16.07 -33.06 -3.24
CA THR A 79 -15.08 -32.79 -4.27
C THR A 79 -13.69 -32.75 -3.63
N ASP A 80 -12.81 -33.65 -4.04
CA ASP A 80 -11.44 -33.66 -3.51
C ASP A 80 -10.55 -32.73 -4.30
N TRP A 81 -9.29 -32.60 -3.92
CA TRP A 81 -8.42 -31.60 -4.56
C TRP A 81 -8.20 -31.85 -6.07
N PRO A 82 -7.83 -33.05 -6.51
CA PRO A 82 -7.66 -33.29 -7.94
C PRO A 82 -8.91 -32.97 -8.78
N ALA A 83 -10.10 -33.32 -8.31
CA ALA A 83 -11.34 -32.94 -9.00
C ALA A 83 -11.57 -31.41 -8.95
N TYR A 84 -11.19 -30.77 -7.85
CA TYR A 84 -11.43 -29.35 -7.67
C TYR A 84 -10.59 -28.55 -8.64
N ILE A 85 -9.31 -28.86 -8.72
CA ILE A 85 -8.46 -28.10 -9.62
C ILE A 85 -8.75 -28.36 -11.12
N GLU A 86 -9.12 -29.59 -11.48
CA GLU A 86 -9.52 -29.91 -12.84
C GLU A 86 -10.81 -29.12 -13.21
N GLY A 87 -11.81 -29.12 -12.34
CA GLY A 87 -12.95 -28.25 -12.56
C GLY A 87 -12.64 -26.76 -12.61
N TRP A 88 -11.65 -26.29 -11.86
CA TRP A 88 -11.28 -24.89 -11.95
C TRP A 88 -10.68 -24.59 -13.31
N LYS A 89 -9.96 -25.51 -13.91
CA LYS A 89 -9.52 -25.26 -15.28
C LYS A 89 -10.67 -25.04 -16.28
N LYS A 90 -11.75 -25.80 -16.11
CA LYS A 90 -12.95 -25.60 -16.93
C LYS A 90 -13.60 -24.22 -16.62
N LEU A 91 -13.76 -23.87 -15.34
CA LEU A 91 -14.42 -22.62 -14.96
C LEU A 91 -13.67 -21.45 -15.57
N ALA A 92 -12.37 -21.40 -15.32
CA ALA A 92 -11.57 -20.27 -15.77
C ALA A 92 -11.63 -20.17 -17.30
N THR A 93 -11.55 -21.29 -17.99
CA THR A 93 -11.64 -21.28 -19.44
C THR A 93 -12.99 -20.68 -19.93
N ASP A 94 -14.07 -21.15 -19.33
CA ASP A 94 -15.42 -20.70 -19.70
C ASP A 94 -15.56 -19.21 -19.43
N GLU A 95 -15.03 -18.76 -18.29
CA GLU A 95 -15.16 -17.39 -17.84
C GLU A 95 -14.41 -16.47 -18.76
N LEU A 96 -13.18 -16.84 -19.13
CA LEU A 96 -12.39 -16.04 -20.04
C LEU A 96 -13.05 -15.94 -21.45
N GLU A 97 -13.71 -17.00 -21.87
CA GLU A 97 -14.40 -17.06 -23.16
C GLU A 97 -15.59 -16.10 -23.13
N LYS A 98 -16.35 -16.15 -22.04
CA LYS A 98 -17.43 -15.16 -21.84
C LYS A 98 -16.94 -13.73 -21.87
N TYR A 99 -15.90 -13.44 -21.12
CA TYR A 99 -15.36 -12.09 -20.98
C TYR A 99 -14.88 -11.54 -22.31
N ALA A 100 -14.27 -12.40 -23.13
CA ALA A 100 -13.76 -12.00 -24.44
C ALA A 100 -14.91 -11.70 -25.39
N LYS A 101 -16.03 -12.38 -25.21
CA LYS A 101 -17.25 -12.16 -26.02
C LYS A 101 -18.23 -11.12 -25.45
N ASN A 102 -17.79 -10.38 -24.44
CA ASN A 102 -18.62 -9.38 -23.72
C ASN A 102 -19.92 -9.98 -23.15
N GLU A 103 -19.83 -11.20 -22.64
CA GLU A 103 -20.98 -11.87 -22.01
C GLU A 103 -20.74 -11.87 -20.48
N PRO A 104 -21.78 -11.66 -19.66
CA PRO A 104 -21.57 -11.62 -18.21
C PRO A 104 -20.89 -12.88 -17.66
N THR A 105 -19.87 -12.74 -16.83
CA THR A 105 -19.20 -13.88 -16.24
C THR A 105 -19.90 -14.26 -14.93
N LEU A 106 -19.67 -15.49 -14.49
CA LEU A 106 -20.22 -15.96 -13.21
C LEU A 106 -19.67 -15.15 -12.08
N ILE A 107 -18.40 -14.72 -12.17
CA ILE A 107 -17.82 -13.93 -11.11
C ILE A 107 -18.46 -12.55 -11.06
N ARG A 108 -18.80 -11.95 -12.21
CA ARG A 108 -19.51 -10.68 -12.23
C ARG A 108 -20.90 -10.83 -11.61
N ILE A 109 -21.58 -11.89 -11.95
CA ILE A 109 -22.96 -12.10 -11.47
C ILE A 109 -22.92 -12.20 -9.92
N TRP A 110 -21.94 -12.94 -9.39
CA TRP A 110 -21.72 -13.00 -7.93
C TRP A 110 -21.42 -11.62 -7.34
N GLY A 111 -20.47 -10.90 -7.94
CA GLY A 111 -20.16 -9.56 -7.56
C GLY A 111 -21.34 -8.60 -7.49
N ASP A 112 -22.21 -8.64 -8.49
CA ASP A 112 -23.39 -7.74 -8.52
C ASP A 112 -24.28 -8.07 -7.34
N ALA A 113 -24.47 -9.36 -7.10
CA ALA A 113 -25.32 -9.79 -5.96
C ALA A 113 -24.71 -9.42 -4.60
N LEU A 114 -23.42 -9.64 -4.45
CA LEU A 114 -22.70 -9.34 -3.21
C LEU A 114 -22.66 -7.83 -2.96
N PHE A 115 -22.36 -7.06 -3.99
CA PHE A 115 -22.25 -5.62 -3.86
C PHE A 115 -23.60 -4.95 -3.56
N ASP A 116 -24.70 -5.53 -3.99
CA ASP A 116 -26.00 -5.01 -3.61
C ASP A 116 -26.22 -5.10 -2.12
N ILE A 117 -25.59 -6.09 -1.47
CA ILE A 117 -25.67 -6.28 -0.03
C ILE A 117 -24.68 -5.40 0.73
N VAL A 118 -23.43 -5.36 0.25
CA VAL A 118 -22.33 -4.74 0.95
C VAL A 118 -22.32 -3.18 0.76
N ASP A 119 -22.73 -2.72 -0.40
CA ASP A 119 -22.71 -1.28 -0.72
C ASP A 119 -24.00 -0.69 -0.11
N LYS A 120 -23.87 0.06 0.97
CA LYS A 120 -25.04 0.67 1.61
C LYS A 120 -25.87 1.53 0.65
N ASP A 121 -25.24 2.09 -0.38
CA ASP A 121 -25.93 2.93 -1.38
C ASP A 121 -26.48 2.19 -2.60
N GLN A 122 -26.21 0.89 -2.70
CA GLN A 122 -26.65 0.03 -3.81
C GLN A 122 -26.42 0.59 -5.20
N ASN A 123 -25.21 1.07 -5.43
CA ASN A 123 -24.84 1.67 -6.70
C ASN A 123 -23.63 0.99 -7.34
N GLY A 124 -23.33 -0.24 -6.90
CA GLY A 124 -22.26 -1.04 -7.50
C GLY A 124 -20.85 -0.70 -7.06
N ALA A 125 -20.66 -0.15 -5.86
CA ALA A 125 -19.31 0.19 -5.41
C ALA A 125 -19.22 0.19 -3.90
N ILE A 126 -18.06 -0.21 -3.37
CA ILE A 126 -17.87 -0.34 -1.95
C ILE A 126 -16.73 0.51 -1.45
N THR A 127 -16.89 0.98 -0.22
CA THR A 127 -15.83 1.66 0.52
C THR A 127 -14.85 0.65 1.08
N LEU A 128 -13.72 1.14 1.58
CA LEU A 128 -12.76 0.26 2.25
C LEU A 128 -13.38 -0.40 3.48
N ASP A 129 -14.14 0.35 4.28
CA ASP A 129 -14.75 -0.21 5.49
C ASP A 129 -15.70 -1.35 5.12
N GLU A 130 -16.42 -1.20 4.00
CA GLU A 130 -17.34 -2.26 3.54
C GLU A 130 -16.56 -3.52 3.09
N TRP A 131 -15.42 -3.29 2.41
CA TRP A 131 -14.60 -4.42 1.93
C TRP A 131 -14.01 -5.16 3.12
N LYS A 132 -13.64 -4.40 4.13
CA LYS A 132 -13.15 -4.95 5.40
C LYS A 132 -14.25 -5.80 6.05
N ALA A 133 -15.48 -5.30 6.06
CA ALA A 133 -16.58 -6.03 6.71
C ALA A 133 -16.85 -7.36 6.01
N TYR A 134 -16.83 -7.34 4.67
CA TYR A 134 -17.14 -8.51 3.88
C TYR A 134 -16.01 -9.55 4.04
N THR A 135 -14.78 -9.14 3.76
CA THR A 135 -13.68 -10.13 3.66
C THR A 135 -13.36 -10.70 5.04
N LYS A 136 -13.53 -9.91 6.10
CA LYS A 136 -13.28 -10.44 7.45
C LYS A 136 -14.39 -11.37 7.93
N ALA A 137 -15.64 -11.08 7.57
CA ALA A 137 -16.74 -12.04 7.82
C ALA A 137 -16.54 -13.35 7.08
N ALA A 138 -16.18 -13.26 5.80
CA ALA A 138 -15.91 -14.43 5.00
C ALA A 138 -14.67 -15.16 5.50
N GLY A 139 -13.70 -14.40 6.00
CA GLY A 139 -12.42 -14.93 6.44
C GLY A 139 -11.31 -14.92 5.40
N ILE A 140 -11.64 -14.57 4.16
CA ILE A 140 -10.68 -14.61 3.05
C ILE A 140 -9.50 -13.63 3.23
N ILE A 141 -9.77 -12.52 3.93
CA ILE A 141 -8.74 -11.64 4.49
C ILE A 141 -8.97 -11.44 5.98
N GLN A 142 -7.90 -11.52 6.77
CA GLN A 142 -7.97 -11.32 8.22
C GLN A 142 -7.59 -9.93 8.71
N SER A 143 -6.55 -9.33 8.14
CA SER A 143 -6.01 -8.08 8.66
C SER A 143 -6.45 -6.89 7.84
N SER A 144 -6.54 -5.76 8.50
CA SER A 144 -6.85 -4.50 7.83
C SER A 144 -5.80 -4.13 6.78
N GLU A 145 -4.55 -4.42 7.08
CA GLU A 145 -3.49 -4.05 6.18
C GLU A 145 -3.59 -4.75 4.81
N ASP A 146 -4.06 -6.00 4.82
CA ASP A 146 -4.26 -6.75 3.56
C ASP A 146 -5.46 -6.20 2.84
N CYS A 147 -6.52 -5.86 3.56
CA CYS A 147 -7.69 -5.24 2.91
C CYS A 147 -7.32 -3.93 2.22
N GLU A 148 -6.42 -3.21 2.88
CA GLU A 148 -5.93 -1.94 2.35
C GLU A 148 -5.10 -2.14 1.06
N GLU A 149 -4.40 -3.26 0.94
CA GLU A 149 -3.66 -3.57 -0.28
C GLU A 149 -4.59 -3.77 -1.47
N THR A 150 -5.79 -4.27 -1.24
CA THR A 150 -6.74 -4.39 -2.33
C THR A 150 -6.94 -3.04 -3.04
N PHE A 151 -7.17 -2.03 -2.23
CA PHE A 151 -7.47 -0.68 -2.67
C PHE A 151 -6.23 -0.03 -3.30
N ARG A 152 -5.02 -0.50 -2.99
CA ARG A 152 -3.81 -0.08 -3.72
C ARG A 152 -3.76 -0.68 -5.14
N VAL A 153 -4.13 -1.97 -5.25
CA VAL A 153 -4.00 -2.70 -6.50
C VAL A 153 -5.05 -2.27 -7.49
N CYS A 154 -6.27 -2.09 -6.99
CA CYS A 154 -7.42 -1.71 -7.80
C CYS A 154 -7.41 -0.21 -8.20
N ASP A 155 -7.96 0.08 -9.37
CA ASP A 155 -8.27 1.45 -9.79
C ASP A 155 -9.49 1.89 -8.99
N ILE A 156 -9.29 2.82 -8.04
CA ILE A 156 -10.36 3.30 -7.19
C ILE A 156 -11.05 4.49 -7.84
N ASP A 157 -12.34 4.60 -7.64
CA ASP A 157 -13.11 5.62 -8.33
C ASP A 157 -13.00 7.01 -7.61
N GLU A 158 -13.71 7.99 -8.16
CA GLU A 158 -13.61 9.40 -7.77
C GLU A 158 -14.11 9.69 -6.36
N SER A 159 -14.92 8.78 -5.84
CA SER A 159 -15.42 8.86 -4.49
C SER A 159 -14.65 7.97 -3.51
N GLY A 160 -13.53 7.39 -3.92
CA GLY A 160 -12.79 6.47 -3.09
C GLY A 160 -13.34 5.03 -2.97
N GLN A 161 -14.20 4.66 -3.92
CA GLN A 161 -14.87 3.35 -3.88
C GLN A 161 -14.34 2.37 -4.95
N LEU A 162 -14.53 1.09 -4.67
CA LEU A 162 -14.13 0.02 -5.54
C LEU A 162 -15.36 -0.46 -6.31
N ASP A 163 -15.41 -0.20 -7.61
CA ASP A 163 -16.57 -0.57 -8.44
C ASP A 163 -16.56 -2.06 -8.81
N VAL A 164 -17.74 -2.65 -8.91
CA VAL A 164 -17.86 -4.06 -9.28
C VAL A 164 -17.22 -4.37 -10.65
N ASP A 165 -17.25 -3.42 -11.58
CA ASP A 165 -16.64 -3.61 -12.90
C ASP A 165 -15.12 -3.71 -12.78
N GLU A 166 -14.54 -2.83 -11.96
CA GLU A 166 -13.09 -2.92 -11.67
C GLU A 166 -12.71 -4.23 -10.94
N THR A 168 -14.16 -6.98 -10.99
CA THR A 168 -14.32 -8.13 -11.90
C THR A 168 -13.10 -8.28 -12.75
N ARG A 169 -12.61 -7.17 -13.30
CA ARG A 169 -11.36 -7.18 -14.12
C ARG A 169 -10.16 -7.65 -13.32
N GLN A 170 -10.06 -7.25 -12.06
CA GLN A 170 -8.92 -7.65 -11.22
C GLN A 170 -9.02 -9.15 -10.86
N HIS A 171 -10.22 -9.60 -10.57
CA HIS A 171 -10.51 -11.01 -10.38
C HIS A 171 -10.17 -11.91 -11.59
N LEU A 172 -10.39 -11.44 -12.81
CA LEU A 172 -10.01 -12.21 -14.01
C LEU A 172 -8.53 -12.44 -13.99
N GLY A 173 -7.80 -11.39 -13.67
CA GLY A 173 -6.36 -11.42 -13.64
C GLY A 173 -5.83 -12.24 -12.49
N PHE A 174 -6.52 -12.18 -11.35
CA PHE A 174 -6.04 -12.81 -10.13
C PHE A 174 -6.43 -14.29 -10.07
N TRP A 175 -7.68 -14.60 -10.35
CA TRP A 175 -8.14 -15.99 -10.21
C TRP A 175 -7.98 -16.81 -11.50
N TYR A 176 -8.04 -16.17 -12.67
CA TYR A 176 -8.07 -16.93 -13.91
C TYR A 176 -6.79 -16.89 -14.75
N THR A 177 -6.04 -15.79 -14.77
CA THR A 177 -4.93 -15.63 -15.74
C THR A 177 -3.50 -15.41 -15.24
N ASP A 179 -2.26 -12.61 -14.34
CA ASP A 179 -1.80 -11.27 -14.77
C ASP A 179 -0.93 -10.63 -13.70
N PRO A 180 0.31 -10.29 -14.01
CA PRO A 180 1.16 -9.70 -12.98
C PRO A 180 0.61 -8.41 -12.36
N ALA A 181 -0.24 -7.69 -13.09
CA ALA A 181 -0.77 -6.43 -12.66
C ALA A 181 -1.77 -6.60 -11.51
N CYS A 182 -2.29 -7.83 -11.36
CA CYS A 182 -3.27 -8.15 -10.32
C CYS A 182 -2.72 -8.88 -9.10
N GLU A 183 -1.38 -8.98 -9.00
CA GLU A 183 -0.75 -9.59 -7.84
C GLU A 183 -1.07 -8.77 -6.58
N LYS A 184 -1.18 -9.50 -5.47
CA LYS A 184 -1.42 -8.93 -4.14
C LYS A 184 -2.80 -8.31 -4.02
N LEU A 185 -3.75 -8.74 -4.84
CA LEU A 185 -5.11 -8.20 -4.77
C LEU A 185 -5.78 -8.33 -3.39
N TYR A 186 -5.44 -9.43 -2.69
CA TYR A 186 -5.89 -9.75 -1.36
C TYR A 186 -4.73 -9.58 -0.36
N GLY A 187 -3.78 -8.71 -0.69
CA GLY A 187 -2.65 -8.48 0.17
C GLY A 187 -1.88 -9.77 0.37
N GLY A 188 -1.35 -9.97 1.57
CA GLY A 188 -0.71 -11.22 1.93
C GLY A 188 -1.63 -12.39 2.28
N ALA A 189 -2.94 -12.14 2.32
CA ALA A 189 -3.88 -13.17 2.75
C ALA A 189 -3.94 -14.37 1.78
N VAL A 190 -3.80 -14.11 0.48
CA VAL A 190 -3.89 -15.12 -0.54
C VAL A 190 -2.68 -14.97 -1.42
N PRO A 191 -1.84 -16.00 -1.52
CA PRO A 191 -0.63 -15.89 -2.33
C PRO A 191 -0.97 -15.92 -3.83
N ALA B 1 13.17 5.57 24.73
CA ALA B 1 12.90 6.70 23.79
C ALA B 1 12.28 7.85 24.55
N ASN B 2 12.62 9.07 24.18
CA ASN B 2 12.14 10.24 24.89
C ASN B 2 10.71 10.67 24.59
N SER B 3 10.16 10.18 23.48
CA SER B 3 8.75 10.45 23.12
C SER B 3 8.04 9.12 22.79
N LYS B 4 6.72 9.16 22.87
CA LYS B 4 5.86 8.05 22.50
C LYS B 4 5.26 8.48 21.14
N LEU B 5 5.71 7.81 20.09
CA LEU B 5 5.37 8.23 18.73
C LEU B 5 4.58 7.14 18.09
N THR B 6 3.42 7.53 17.54
CA THR B 6 2.57 6.57 16.91
C THR B 6 2.06 7.06 15.57
N SER B 7 1.72 6.14 14.68
CA SER B 7 1.36 6.50 13.32
C SER B 7 -0.05 7.01 13.28
N ASP B 8 -0.35 7.77 12.22
CA ASP B 8 -1.68 8.31 11.99
C ASP B 8 -1.91 8.32 10.48
N PHE B 9 -1.87 7.14 9.88
CA PHE B 9 -1.82 6.91 8.43
C PHE B 9 -3.12 7.22 7.66
N ASP B 10 -4.25 7.17 8.36
CA ASP B 10 -5.54 7.57 7.79
C ASP B 10 -5.80 9.09 7.83
N ASN B 11 -4.93 9.88 8.47
CA ASN B 11 -5.08 11.33 8.51
C ASN B 11 -4.83 11.82 7.07
N PRO B 12 -5.83 12.45 6.41
CA PRO B 12 -5.60 13.02 5.07
C PRO B 12 -4.44 14.03 5.04
N ARG B 13 -4.09 14.65 6.17
CA ARG B 13 -2.94 15.56 6.18
C ARG B 13 -1.58 14.83 6.13
N TRP B 14 -1.56 13.60 6.66
CA TRP B 14 -0.37 12.73 6.55
C TRP B 14 -0.21 12.25 5.11
N ILE B 15 -1.29 11.74 4.53
CA ILE B 15 -1.28 11.28 3.15
C ILE B 15 -0.87 12.42 2.25
N GLY B 16 -1.41 13.61 2.51
CA GLY B 16 -1.19 14.78 1.64
C GLY B 16 0.22 15.34 1.74
N ARG B 17 0.83 15.18 2.90
CA ARG B 17 2.20 15.60 3.13
C ARG B 17 3.10 14.82 2.19
N HIS B 18 2.87 13.50 2.14
CA HIS B 18 3.65 12.66 1.26
C HIS B 18 3.25 12.74 -0.19
N LYS B 19 1.99 13.11 -0.47
CA LYS B 19 1.61 13.30 -1.87
C LYS B 19 2.30 14.59 -2.39
N HIS B 20 2.40 15.59 -1.54
CA HIS B 20 3.16 16.84 -1.86
C HIS B 20 4.60 16.47 -2.24
N PHE B 22 5.83 13.47 -3.18
CA PHE B 22 5.79 12.67 -4.42
C PHE B 22 5.74 13.56 -5.64
N ASN B 23 4.85 14.55 -5.61
CA ASN B 23 4.69 15.46 -6.74
C ASN B 23 5.95 16.35 -6.95
N PHE B 24 6.54 16.75 -5.84
CA PHE B 24 7.77 17.55 -5.87
C PHE B 24 8.92 16.68 -6.41
N LEU B 25 8.93 15.40 -6.04
CA LEU B 25 9.96 14.47 -6.57
C LEU B 25 9.76 14.06 -8.03
N ASP B 26 8.50 14.06 -8.47
CA ASP B 26 8.14 13.66 -9.82
C ASP B 26 8.23 14.89 -10.73
N VAL B 27 9.45 15.35 -10.94
CA VAL B 27 9.69 16.64 -11.64
C VAL B 27 9.18 16.69 -13.09
N ASN B 28 9.15 15.53 -13.74
CA ASN B 28 8.60 15.47 -15.08
C ASN B 28 7.15 14.97 -15.20
N HIS B 29 6.46 14.96 -14.06
CA HIS B 29 5.04 14.51 -14.00
C HIS B 29 4.77 13.20 -14.77
N ASN B 30 5.61 12.20 -14.57
CA ASN B 30 5.38 10.89 -15.11
C ASN B 30 4.33 10.08 -14.34
N GLY B 31 4.02 10.47 -13.13
CA GLY B 31 3.17 9.72 -12.22
C GLY B 31 3.88 8.55 -11.55
N LYS B 32 5.18 8.47 -11.74
CA LYS B 32 6.01 7.47 -11.09
C LYS B 32 7.42 7.97 -10.98
N ILE B 33 8.11 7.46 -9.96
CA ILE B 33 9.49 7.80 -9.69
C ILE B 33 10.27 6.51 -9.37
N SER B 34 11.58 6.53 -9.67
CA SER B 34 12.46 5.38 -9.46
C SER B 34 13.52 5.68 -8.42
N LEU B 35 14.08 4.64 -7.84
CA LEU B 35 15.22 4.83 -6.94
C LEU B 35 16.40 5.47 -7.66
N ASP B 36 16.53 5.17 -8.95
CA ASP B 36 17.65 5.72 -9.72
C ASP B 36 17.59 7.26 -9.67
N GLU B 37 16.37 7.80 -9.76
CA GLU B 37 16.15 9.24 -9.77
C GLU B 37 16.43 9.82 -8.41
N VAL B 39 18.46 8.68 -5.95
CA VAL B 39 19.90 8.70 -5.60
C VAL B 39 20.68 9.63 -6.53
N TYR B 40 20.21 9.79 -7.76
CA TYR B 40 20.80 10.81 -8.68
C TYR B 40 20.64 12.21 -8.04
N LYS B 41 19.41 12.54 -7.65
CA LYS B 41 19.05 13.81 -7.08
C LYS B 41 19.97 14.05 -5.83
N ALA B 42 20.10 13.05 -4.96
CA ALA B 42 20.85 13.15 -3.71
C ALA B 42 22.33 13.48 -3.96
N SER B 43 22.95 12.74 -4.86
CA SER B 43 24.36 12.88 -5.15
C SER B 43 24.64 14.16 -5.94
N ASP B 44 23.72 14.50 -6.85
CA ASP B 44 23.85 15.75 -7.56
C ASP B 44 23.94 16.92 -6.58
N ILE B 45 23.01 16.98 -5.60
CA ILE B 45 22.99 18.04 -4.60
C ILE B 45 24.32 18.11 -3.85
N VAL B 46 24.70 16.99 -3.26
CA VAL B 46 25.80 17.06 -2.32
C VAL B 46 27.16 17.20 -3.06
N ILE B 47 27.29 16.59 -4.22
CA ILE B 47 28.56 16.67 -4.97
C ILE B 47 28.64 17.99 -5.78
N ASN B 48 27.56 18.33 -6.46
CA ASN B 48 27.59 19.52 -7.35
C ASN B 48 27.14 20.85 -6.76
N ASN B 49 26.42 20.84 -5.65
CA ASN B 49 26.04 22.09 -5.03
C ASN B 49 26.68 22.32 -3.66
N LEU B 50 26.98 21.26 -2.89
CA LEU B 50 27.38 21.43 -1.48
C LEU B 50 28.80 20.99 -1.17
N GLY B 51 29.60 20.68 -2.18
CA GLY B 51 31.05 20.52 -2.02
C GLY B 51 31.52 19.24 -1.32
N ALA B 52 30.65 18.23 -1.28
CA ALA B 52 30.98 16.94 -0.62
C ALA B 52 32.22 16.28 -1.22
N THR B 53 33.08 15.79 -0.35
CA THR B 53 34.14 14.86 -0.74
C THR B 53 33.57 13.56 -1.32
N PRO B 54 34.39 12.80 -2.08
CA PRO B 54 33.92 11.51 -2.60
C PRO B 54 33.40 10.56 -1.50
N GLU B 55 34.13 10.50 -0.40
CA GLU B 55 33.75 9.61 0.70
C GLU B 55 32.43 10.04 1.34
N GLN B 56 32.26 11.34 1.47
CA GLN B 56 31.07 11.93 2.08
C GLN B 56 29.88 11.69 1.18
N ALA B 57 30.09 11.84 -0.13
CA ALA B 57 29.00 11.62 -1.10
C ALA B 57 28.55 10.19 -1.08
N LYS B 58 29.49 9.25 -0.98
CA LYS B 58 29.14 7.82 -1.04
C LYS B 58 28.34 7.40 0.23
N ARG B 59 28.73 7.95 1.37
CA ARG B 59 28.04 7.71 2.64
C ARG B 59 26.59 8.20 2.55
N HIS B 60 26.46 9.42 2.03
CA HIS B 60 25.17 10.05 1.76
C HIS B 60 24.32 9.21 0.77
N LYS B 61 24.91 8.71 -0.31
CA LYS B 61 24.16 7.97 -1.31
C LYS B 61 23.63 6.71 -0.67
N ASP B 62 24.49 6.04 0.11
CA ASP B 62 24.08 4.82 0.78
C ASP B 62 22.86 5.07 1.71
N ALA B 63 22.88 6.19 2.41
CA ALA B 63 21.83 6.55 3.36
C ALA B 63 20.51 6.83 2.63
N VAL B 64 20.57 7.60 1.55
CA VAL B 64 19.38 7.87 0.74
C VAL B 64 18.82 6.62 0.05
N GLU B 65 19.70 5.79 -0.54
CA GLU B 65 19.32 4.49 -1.08
C GLU B 65 18.53 3.66 -0.07
N ALA B 66 19.04 3.58 1.15
CA ALA B 66 18.44 2.79 2.23
C ALA B 66 17.11 3.38 2.68
N PHE B 67 17.04 4.69 2.74
CA PHE B 67 15.81 5.41 3.15
C PHE B 67 14.67 5.13 2.15
N PHE B 68 14.86 5.43 0.87
CA PHE B 68 13.79 5.19 -0.11
C PHE B 68 13.60 3.70 -0.36
N GLY B 69 14.67 2.94 -0.19
CA GLY B 69 14.61 1.47 -0.22
C GLY B 69 13.69 0.96 0.85
N GLY B 70 13.69 1.61 2.00
CA GLY B 70 12.80 1.21 3.11
C GLY B 70 11.33 1.47 2.83
N ALA B 71 11.10 2.42 1.93
CA ALA B 71 9.77 2.66 1.39
C ALA B 71 9.40 1.82 0.15
N GLY B 72 10.23 0.83 -0.17
CA GLY B 72 9.91 -0.13 -1.22
C GLY B 72 10.48 0.17 -2.60
N LYS B 74 13.06 0.66 -5.66
CA LYS B 74 14.18 -0.13 -6.15
C LYS B 74 14.76 0.38 -7.46
N TYR B 75 16.02 0.10 -7.70
CA TYR B 75 16.65 0.44 -8.98
C TYR B 75 15.93 -0.30 -10.13
N GLY B 76 15.71 0.41 -11.23
CA GLY B 76 15.08 -0.16 -12.41
C GLY B 76 13.58 -0.34 -12.26
N VAL B 77 13.00 0.13 -11.14
CA VAL B 77 11.56 0.00 -10.89
C VAL B 77 10.91 1.39 -10.74
N GLU B 78 9.80 1.58 -11.44
CA GLU B 78 9.05 2.82 -11.41
C GLU B 78 7.93 2.65 -10.38
N THR B 79 7.95 3.52 -9.39
CA THR B 79 7.02 3.48 -8.30
C THR B 79 5.90 4.47 -8.50
N ASP B 80 4.65 4.02 -8.64
CA ASP B 80 3.53 4.95 -8.77
C ASP B 80 3.03 5.43 -7.42
N TRP B 81 2.08 6.36 -7.41
CA TRP B 81 1.65 6.91 -6.11
C TRP B 81 1.08 5.82 -5.16
N PRO B 82 0.19 4.96 -5.64
CA PRO B 82 -0.37 3.91 -4.74
C PRO B 82 0.72 3.00 -4.13
N ALA B 83 1.68 2.60 -4.93
CA ALA B 83 2.83 1.86 -4.36
C ALA B 83 3.67 2.69 -3.42
N TYR B 84 3.80 4.01 -3.67
CA TYR B 84 4.66 4.90 -2.91
C TYR B 84 4.09 5.06 -1.53
N ILE B 85 2.79 5.33 -1.45
CA ILE B 85 2.20 5.58 -0.14
C ILE B 85 2.08 4.28 0.66
N GLU B 86 1.86 3.18 -0.01
CA GLU B 86 1.87 1.87 0.68
C GLU B 86 3.25 1.59 1.31
N GLY B 87 4.31 1.77 0.51
CA GLY B 87 5.68 1.66 1.00
C GLY B 87 6.03 2.61 2.12
N TRP B 88 5.51 3.84 2.06
CA TRP B 88 5.77 4.82 3.08
C TRP B 88 5.13 4.45 4.43
N LYS B 89 3.96 3.84 4.40
CA LYS B 89 3.40 3.28 5.65
C LYS B 89 4.32 2.22 6.31
N LYS B 90 4.95 1.38 5.47
CA LYS B 90 5.90 0.38 5.95
C LYS B 90 7.12 1.05 6.53
N LEU B 91 7.72 2.00 5.79
CA LEU B 91 8.87 2.75 6.29
C LEU B 91 8.60 3.36 7.64
N ALA B 92 7.55 4.15 7.75
CA ALA B 92 7.22 4.85 8.97
C ALA B 92 7.04 3.82 10.11
N THR B 93 6.34 2.73 9.83
CA THR B 93 6.10 1.67 10.84
C THR B 93 7.45 1.14 11.37
N ASP B 94 8.34 0.84 10.43
CA ASP B 94 9.65 0.28 10.76
C ASP B 94 10.50 1.28 11.54
N GLU B 95 10.49 2.55 11.12
CA GLU B 95 11.25 3.61 11.78
C GLU B 95 10.78 3.83 13.22
N LEU B 96 9.46 3.87 13.40
CA LEU B 96 8.91 4.15 14.72
C LEU B 96 9.18 2.97 15.67
N GLU B 97 9.23 1.77 15.12
CA GLU B 97 9.63 0.60 15.90
C GLU B 97 11.07 0.69 16.35
N LYS B 98 11.97 1.06 15.43
CA LYS B 98 13.37 1.26 15.78
C LYS B 98 13.53 2.35 16.83
N TYR B 99 12.84 3.49 16.66
CA TYR B 99 12.90 4.60 17.58
C TYR B 99 12.50 4.16 18.99
N ALA B 100 11.43 3.39 19.05
CA ALA B 100 10.90 2.92 20.35
C ALA B 100 11.90 2.01 21.07
N LYS B 101 12.69 1.30 20.28
CA LYS B 101 13.72 0.40 20.76
C LYS B 101 15.11 1.02 20.91
N ASN B 102 15.24 2.33 20.72
CA ASN B 102 16.50 3.07 20.84
C ASN B 102 17.54 2.55 19.84
N GLU B 103 17.06 2.22 18.65
CA GLU B 103 17.89 1.73 17.56
C GLU B 103 17.96 2.79 16.46
N PRO B 104 19.08 2.89 15.77
CA PRO B 104 19.28 3.97 14.79
C PRO B 104 18.22 3.90 13.68
N THR B 105 17.61 5.03 13.35
CA THR B 105 16.64 5.07 12.25
C THR B 105 17.38 5.42 10.95
N LEU B 106 16.75 5.12 9.85
CA LEU B 106 17.24 5.48 8.50
C LEU B 106 17.25 6.97 8.31
N ILE B 107 16.30 7.67 8.91
CA ILE B 107 16.35 9.13 8.85
C ILE B 107 17.53 9.77 9.65
N ARG B 108 17.87 9.21 10.82
CA ARG B 108 19.06 9.63 11.54
C ARG B 108 20.33 9.36 10.74
N ILE B 109 20.40 8.20 10.12
CA ILE B 109 21.60 7.82 9.37
C ILE B 109 21.80 8.78 8.22
N TRP B 110 20.72 9.11 7.50
CA TRP B 110 20.77 10.13 6.45
C TRP B 110 21.18 11.46 7.05
N GLY B 111 20.55 11.85 8.15
CA GLY B 111 20.91 13.07 8.83
C GLY B 111 22.37 13.21 9.17
N ASP B 112 22.96 12.14 9.71
CA ASP B 112 24.39 12.19 10.07
C ASP B 112 25.25 12.33 8.81
N ALA B 113 24.83 11.68 7.73
CA ALA B 113 25.62 11.76 6.49
C ALA B 113 25.56 13.18 5.91
N LEU B 114 24.36 13.75 5.90
CA LEU B 114 24.16 15.09 5.35
C LEU B 114 24.81 16.14 6.19
N PHE B 115 24.64 16.05 7.51
CA PHE B 115 25.20 17.06 8.39
C PHE B 115 26.71 17.10 8.32
N ASP B 116 27.37 15.97 8.04
CA ASP B 116 28.81 15.97 7.88
C ASP B 116 29.23 16.85 6.70
N ILE B 117 28.37 16.95 5.71
CA ILE B 117 28.60 17.75 4.51
C ILE B 117 28.24 19.20 4.75
N VAL B 118 27.08 19.41 5.34
CA VAL B 118 26.49 20.76 5.44
C VAL B 118 27.10 21.63 6.57
N ASP B 119 27.47 20.99 7.67
CA ASP B 119 28.07 21.67 8.82
C ASP B 119 29.56 21.90 8.56
N LYS B 120 29.95 23.14 8.34
CA LYS B 120 31.35 23.47 8.07
C LYS B 120 32.26 22.94 9.16
N ASP B 121 31.78 22.87 10.39
CA ASP B 121 32.59 22.43 11.51
C ASP B 121 32.52 20.92 11.83
N GLN B 122 31.69 20.17 11.09
CA GLN B 122 31.51 18.73 11.26
C GLN B 122 31.31 18.28 12.71
N ASN B 123 30.42 19.03 13.38
CA ASN B 123 30.10 18.78 14.79
C ASN B 123 28.62 18.44 15.00
N GLY B 124 27.90 18.10 13.93
CA GLY B 124 26.51 17.69 14.06
C GLY B 124 25.53 18.83 14.30
N ALA B 125 25.80 20.00 13.76
CA ALA B 125 24.83 21.10 13.82
C ALA B 125 24.97 22.13 12.72
N ILE B 126 23.84 22.69 12.28
CA ILE B 126 23.86 23.63 11.17
C ILE B 126 23.34 25.02 11.47
N THR B 127 23.92 26.01 10.79
CA THR B 127 23.43 27.38 10.88
C THR B 127 22.26 27.61 9.96
N LEU B 128 21.61 28.77 10.09
CA LEU B 128 20.53 29.11 9.16
C LEU B 128 21.02 29.20 7.73
N ASP B 129 22.18 29.81 7.51
CA ASP B 129 22.69 29.94 6.16
C ASP B 129 22.96 28.54 5.55
N GLU B 130 23.41 27.58 6.36
CA GLU B 130 23.68 26.23 5.91
C GLU B 130 22.37 25.49 5.58
N TRP B 131 21.33 25.70 6.39
CA TRP B 131 20.03 25.09 6.13
C TRP B 131 19.42 25.66 4.87
N LYS B 132 19.62 26.95 4.63
CA LYS B 132 19.12 27.60 3.41
C LYS B 132 19.83 27.03 2.20
N ALA B 133 21.13 26.84 2.31
CA ALA B 133 21.90 26.35 1.21
C ALA B 133 21.43 24.94 0.84
N TYR B 134 21.18 24.08 1.82
CA TYR B 134 20.80 22.71 1.49
C TYR B 134 19.35 22.66 0.92
N THR B 135 18.42 23.28 1.63
CA THR B 135 17.02 23.15 1.26
C THR B 135 16.74 23.81 -0.06
N LYS B 136 17.40 24.93 -0.35
CA LYS B 136 17.22 25.56 -1.65
C LYS B 136 17.88 24.80 -2.78
N ALA B 137 19.00 24.11 -2.53
CA ALA B 137 19.60 23.24 -3.57
C ALA B 137 18.68 22.07 -3.87
N ALA B 138 18.15 21.44 -2.82
CA ALA B 138 17.20 20.36 -2.97
C ALA B 138 15.91 20.86 -3.56
N GLY B 139 15.57 22.10 -3.26
CA GLY B 139 14.31 22.67 -3.67
C GLY B 139 13.13 22.39 -2.78
N ILE B 140 13.35 21.65 -1.70
CA ILE B 140 12.29 21.33 -0.72
C ILE B 140 11.72 22.61 -0.03
N ILE B 141 12.57 23.62 0.14
CA ILE B 141 12.14 24.97 0.53
C ILE B 141 12.70 25.93 -0.51
N GLN B 142 11.84 26.85 -0.96
CA GLN B 142 12.24 27.90 -1.93
C GLN B 142 12.60 29.24 -1.27
N SER B 143 11.87 29.65 -0.22
CA SER B 143 12.06 31.00 0.36
C SER B 143 12.82 30.99 1.65
N SER B 144 13.55 32.07 1.91
CA SER B 144 14.27 32.25 3.18
C SER B 144 13.33 32.30 4.37
N GLU B 145 12.15 32.87 4.21
CA GLU B 145 11.24 32.96 5.33
C GLU B 145 10.74 31.59 5.79
N ASP B 146 10.60 30.62 4.87
CA ASP B 146 10.20 29.28 5.25
C ASP B 146 11.37 28.56 5.96
N CYS B 147 12.61 28.77 5.48
CA CYS B 147 13.79 28.21 6.13
C CYS B 147 13.91 28.73 7.56
N GLU B 148 13.55 30.00 7.74
CA GLU B 148 13.58 30.61 9.07
C GLU B 148 12.58 29.99 10.02
N GLU B 149 11.45 29.52 9.50
CA GLU B 149 10.42 28.89 10.30
C GLU B 149 10.94 27.64 10.91
N THR B 150 11.79 26.90 10.19
CA THR B 150 12.36 25.70 10.76
C THR B 150 13.03 25.98 12.10
N PHE B 151 13.78 27.06 12.14
CA PHE B 151 14.51 27.51 13.34
C PHE B 151 13.60 28.02 14.45
N ARG B 152 12.38 28.45 14.12
CA ARG B 152 11.36 28.73 15.15
C ARG B 152 10.74 27.47 15.77
N VAL B 153 10.43 26.51 14.92
CA VAL B 153 9.79 25.28 15.36
C VAL B 153 10.74 24.42 16.18
N CYS B 154 12.00 24.37 15.76
CA CYS B 154 12.98 23.55 16.44
C CYS B 154 13.60 24.28 17.60
N ASP B 155 14.03 23.49 18.57
CA ASP B 155 14.86 23.99 19.63
C ASP B 155 16.25 24.19 19.05
N ILE B 156 16.70 25.44 19.09
CA ILE B 156 18.01 25.83 18.58
C ILE B 156 18.99 25.71 19.77
N ASP B 157 20.29 25.59 19.49
CA ASP B 157 21.25 25.40 20.56
C ASP B 157 21.79 26.76 21.03
N GLU B 158 22.86 26.75 21.84
CA GLU B 158 23.42 27.97 22.46
C GLU B 158 23.81 28.98 21.39
N SER B 159 24.59 28.53 20.42
CA SER B 159 25.10 29.43 19.36
C SER B 159 24.14 29.71 18.19
N GLY B 160 22.88 29.30 18.30
CA GLY B 160 21.92 29.49 17.21
C GLY B 160 21.95 28.46 16.06
N GLN B 161 22.35 27.23 16.37
CA GLN B 161 22.50 26.19 15.39
C GLN B 161 21.41 25.11 15.62
N LEU B 162 21.06 24.43 14.55
CA LEU B 162 20.13 23.32 14.56
C LEU B 162 20.97 22.05 14.66
N ASP B 163 20.93 21.39 15.80
CA ASP B 163 21.69 20.15 15.99
C ASP B 163 20.92 18.92 15.44
N VAL B 164 21.68 17.93 14.98
CA VAL B 164 21.12 16.72 14.36
C VAL B 164 20.15 15.94 15.28
N ASP B 165 20.49 15.84 16.56
CA ASP B 165 19.58 15.22 17.54
C ASP B 165 18.17 15.86 17.50
N GLU B 166 18.15 17.18 17.54
CA GLU B 166 16.87 17.89 17.54
C GLU B 166 16.16 17.72 16.18
N THR B 168 16.41 15.38 14.00
CA THR B 168 15.93 14.01 13.81
C THR B 168 14.62 13.83 14.56
N ARG B 169 14.54 14.36 15.78
CA ARG B 169 13.29 14.26 16.54
C ARG B 169 12.13 14.93 15.79
N GLN B 170 12.35 16.13 15.29
CA GLN B 170 11.34 16.86 14.53
C GLN B 170 10.98 16.12 13.25
N HIS B 171 11.98 15.56 12.56
CA HIS B 171 11.71 14.83 11.33
C HIS B 171 10.92 13.53 11.55
N LEU B 172 11.15 12.85 12.68
CA LEU B 172 10.41 11.64 13.03
C LEU B 172 8.95 12.00 13.15
N GLY B 173 8.69 13.10 13.85
CA GLY B 173 7.37 13.64 14.06
C GLY B 173 6.69 14.11 12.81
N PHE B 174 7.42 14.83 11.96
CA PHE B 174 6.85 15.46 10.76
C PHE B 174 6.52 14.43 9.66
N TRP B 175 7.44 13.51 9.41
CA TRP B 175 7.28 12.61 8.29
C TRP B 175 6.50 11.33 8.69
N TYR B 176 6.62 10.90 9.95
CA TYR B 176 6.04 9.60 10.34
C TYR B 176 4.76 9.65 11.17
N THR B 177 4.49 10.72 11.91
CA THR B 177 3.40 10.70 12.92
C THR B 177 2.34 11.81 12.95
N ASP B 179 2.66 14.55 14.60
CA ASP B 179 2.85 15.21 15.88
C ASP B 179 2.61 16.70 15.65
N PRO B 180 1.62 17.28 16.33
CA PRO B 180 1.29 18.69 16.11
C PRO B 180 2.40 19.63 16.53
N ALA B 181 3.32 19.19 17.38
CA ALA B 181 4.48 20.00 17.78
C ALA B 181 5.43 20.35 16.61
N CYS B 182 5.41 19.50 15.59
CA CYS B 182 6.26 19.64 14.40
C CYS B 182 5.61 20.33 13.19
N GLU B 183 4.40 20.87 13.33
CA GLU B 183 3.76 21.55 12.22
C GLU B 183 4.59 22.78 11.83
N LYS B 184 4.65 23.00 10.52
CA LYS B 184 5.34 24.12 9.93
C LYS B 184 6.88 23.95 10.01
N LEU B 185 7.36 22.73 10.15
CA LEU B 185 8.81 22.53 10.26
C LEU B 185 9.56 23.08 9.04
N TYR B 186 8.91 22.97 7.87
CA TYR B 186 9.43 23.51 6.62
C TYR B 186 8.67 24.78 6.19
N GLY B 187 8.18 25.50 7.19
CA GLY B 187 7.35 26.68 6.97
C GLY B 187 6.15 26.33 6.10
N GLY B 188 5.80 27.23 5.19
CA GLY B 188 4.74 26.96 4.19
C GLY B 188 5.14 26.12 2.99
N ALA B 189 6.40 25.71 2.92
CA ALA B 189 6.86 24.91 1.77
C ALA B 189 6.25 23.50 1.66
N VAL B 190 5.97 22.85 2.78
CA VAL B 190 5.47 21.46 2.83
C VAL B 190 4.34 21.46 3.84
N PRO B 191 3.11 21.16 3.41
CA PRO B 191 1.98 21.25 4.33
C PRO B 191 2.04 20.09 5.34
#